data_7V39
#
_entry.id   7V39
#
_cell.length_a   50.185
_cell.length_b   76.292
_cell.length_c   140.784
_cell.angle_alpha   90.000
_cell.angle_beta   90.000
_cell.angle_gamma   90.000
#
_symmetry.space_group_name_H-M   'P 21 21 21'
#
loop_
_entity.id
_entity.type
_entity.pdbx_description
1 polymer Nucleoprotein
2 non-polymer 'ZINC ION'
3 non-polymer '4-(HYDROXYMERCURY)BENZOIC ACID'
4 water water
#
_entity_poly.entity_id   1
_entity_poly.type   'polypeptide(L)'
_entity_poly.pdbx_seq_one_letter_code
;MGSSHHHHHHSSGLVPRGSHMGKPQKADSNNSSKSLQSAGFTAGLTYSQLMTLKDAMLQLDPNAKTWMDIEGRPEDPVEI
ALYQPSSGCYIHFFREPTDLKQFKQDAKYSHGIDVTDLFATQPGLTSAVIDALPRNMVITCQGSDDIRKLLESQGRKDIK
LIDIALSKTDSRKYENAVWDQYKDLCHMHTGVVVEKKKRGGKEEITPHCALMDCIMFDAAVSGGLNTSVLRAVLPRDMVF
RTSTPRVVL
;
_entity_poly.pdbx_strand_id   A,B
#
loop_
_chem_comp.id
_chem_comp.type
_chem_comp.name
_chem_comp.formula
HGB non-polymer '4-(HYDROXYMERCURY)BENZOIC ACID' 'C7 H6 Hg O3'
ZN non-polymer 'ZINC ION' 'Zn 2'
#
# COMPACT_ATOMS: atom_id res chain seq x y z
N ALA A 43 3.63 17.65 -7.60
CA ALA A 43 2.71 16.53 -7.74
C ALA A 43 1.46 16.94 -8.51
N GLY A 44 0.91 15.99 -9.25
CA GLY A 44 -0.31 16.21 -10.01
C GLY A 44 -0.01 16.32 -11.50
N LEU A 45 -1.06 16.70 -12.24
CA LEU A 45 -0.96 16.83 -13.69
C LEU A 45 -0.18 18.07 -14.07
N THR A 46 0.54 17.99 -15.19
CA THR A 46 1.24 19.14 -15.71
C THR A 46 0.25 20.10 -16.37
N TYR A 47 0.76 21.28 -16.75
CA TYR A 47 -0.12 22.31 -17.30
C TYR A 47 -0.81 21.84 -18.58
N SER A 48 -0.05 21.23 -19.49
CA SER A 48 -0.64 20.75 -20.74
C SER A 48 -1.65 19.64 -20.48
N GLN A 49 -1.38 18.79 -19.48
CA GLN A 49 -2.35 17.77 -19.11
C GLN A 49 -3.65 18.39 -18.61
N LEU A 50 -3.55 19.42 -17.77
CA LEU A 50 -4.74 20.08 -17.25
C LEU A 50 -5.55 20.70 -18.38
N MET A 51 -4.87 21.31 -19.36
CA MET A 51 -5.57 21.91 -20.48
C MET A 51 -6.28 20.85 -21.33
N THR A 52 -5.61 19.72 -21.56
CA THR A 52 -6.26 18.62 -22.28
C THR A 52 -7.44 18.08 -21.48
N LEU A 53 -7.31 17.99 -20.16
CA LEU A 53 -8.43 17.55 -19.33
C LEU A 53 -9.57 18.56 -19.38
N LYS A 54 -9.25 19.85 -19.31
CA LYS A 54 -10.29 20.88 -19.38
C LYS A 54 -11.03 20.83 -20.71
N ASP A 55 -10.29 20.77 -21.82
CA ASP A 55 -10.93 20.59 -23.12
C ASP A 55 -11.74 19.30 -23.16
N ALA A 56 -11.25 18.25 -22.51
CA ALA A 56 -12.01 17.00 -22.45
C ALA A 56 -13.32 17.17 -21.68
N MET A 57 -13.26 17.81 -20.52
CA MET A 57 -14.45 17.92 -19.68
C MET A 57 -15.58 18.68 -20.36
N LEU A 58 -15.30 19.36 -21.48
CA LEU A 58 -16.35 20.06 -22.22
C LEU A 58 -17.39 19.11 -22.80
N GLN A 59 -17.05 17.84 -23.03
CA GLN A 59 -18.06 16.93 -23.57
C GLN A 59 -19.06 16.49 -22.50
N LEU A 60 -18.87 16.87 -21.25
CA LEU A 60 -19.88 16.67 -20.21
C LEU A 60 -21.02 17.66 -20.43
N ASP A 61 -22.25 17.16 -20.35
CA ASP A 61 -23.42 18.04 -20.37
C ASP A 61 -23.66 18.54 -18.96
N PRO A 62 -23.40 19.82 -18.68
CA PRO A 62 -23.53 20.32 -17.30
C PRO A 62 -24.96 20.40 -16.80
N ASN A 63 -25.96 20.20 -17.67
CA ASN A 63 -27.36 20.29 -17.28
C ASN A 63 -28.05 18.94 -17.24
N ALA A 64 -27.40 17.87 -17.68
CA ALA A 64 -28.01 16.55 -17.70
C ALA A 64 -27.81 15.85 -16.35
N LYS A 65 -28.67 14.86 -16.10
CA LYS A 65 -28.54 14.06 -14.89
C LYS A 65 -27.21 13.30 -14.92
N THR A 66 -26.50 13.34 -13.80
CA THR A 66 -25.15 12.78 -13.72
C THR A 66 -25.03 11.95 -12.45
N TRP A 67 -24.87 10.64 -12.60
CA TRP A 67 -24.57 9.77 -11.49
C TRP A 67 -23.08 9.81 -11.18
N MET A 68 -22.74 9.56 -9.92
CA MET A 68 -21.35 9.42 -9.51
C MET A 68 -21.25 8.36 -8.43
N ASP A 69 -20.19 7.57 -8.49
CA ASP A 69 -19.90 6.60 -7.45
C ASP A 69 -18.39 6.33 -7.45
N ILE A 70 -17.92 5.72 -6.37
CA ILE A 70 -16.51 5.41 -6.20
C ILE A 70 -16.38 4.03 -5.56
N GLU A 71 -15.21 3.43 -5.76
CA GLU A 71 -14.76 2.29 -4.97
C GLU A 71 -13.59 2.75 -4.10
N GLY A 72 -13.51 2.16 -2.91
CA GLY A 72 -12.60 2.66 -1.89
C GLY A 72 -13.22 3.81 -1.10
N ARG A 73 -12.59 4.11 0.02
CA ARG A 73 -13.09 5.16 0.90
C ARG A 73 -12.99 6.52 0.21
N PRO A 74 -13.87 7.47 0.57
CA PRO A 74 -13.81 8.79 -0.08
C PRO A 74 -12.50 9.52 0.16
N GLU A 75 -11.82 9.26 1.27
CA GLU A 75 -10.52 9.85 1.52
C GLU A 75 -9.40 9.15 0.75
N ASP A 76 -9.66 7.96 0.22
CA ASP A 76 -8.65 7.17 -0.48
C ASP A 76 -9.27 6.38 -1.62
N PRO A 77 -9.90 7.02 -2.60
CA PRO A 77 -10.61 6.27 -3.64
C PRO A 77 -9.66 5.66 -4.65
N VAL A 78 -10.08 4.51 -5.19
CA VAL A 78 -9.30 3.81 -6.19
C VAL A 78 -10.02 3.69 -7.53
N GLU A 79 -11.34 3.81 -7.58
CA GLU A 79 -12.08 3.83 -8.84
C GLU A 79 -13.14 4.91 -8.76
N ILE A 80 -13.23 5.73 -9.80
CA ILE A 80 -14.15 6.86 -9.85
C ILE A 80 -14.92 6.82 -11.15
N ALA A 81 -16.22 7.08 -11.07
CA ALA A 81 -17.07 7.03 -12.26
C ALA A 81 -18.17 8.07 -12.17
N LEU A 82 -18.37 8.81 -13.26
CA LEU A 82 -19.54 9.65 -13.47
C LEU A 82 -20.24 9.17 -14.73
N TYR A 83 -21.57 9.22 -14.73
CA TYR A 83 -22.35 8.63 -15.82
C TYR A 83 -23.57 9.50 -16.11
N GLN A 84 -23.69 9.93 -17.36
CA GLN A 84 -24.85 10.70 -17.83
C GLN A 84 -25.69 9.80 -18.74
N PRO A 85 -26.77 9.20 -18.23
CA PRO A 85 -27.49 8.19 -19.03
C PRO A 85 -28.11 8.74 -20.31
N SER A 86 -28.60 9.98 -20.29
CA SER A 86 -29.32 10.51 -21.46
C SER A 86 -28.38 10.69 -22.65
N SER A 87 -27.15 11.16 -22.41
CA SER A 87 -26.19 11.34 -23.48
C SER A 87 -25.24 10.16 -23.63
N GLY A 88 -25.08 9.34 -22.59
CA GLY A 88 -24.15 8.24 -22.62
C GLY A 88 -22.72 8.59 -22.28
N CYS A 89 -22.43 9.86 -22.02
CA CYS A 89 -21.07 10.25 -21.65
C CYS A 89 -20.76 9.77 -20.24
N TYR A 90 -19.58 9.20 -20.06
CA TYR A 90 -19.17 8.72 -18.74
C TYR A 90 -17.69 9.03 -18.52
N ILE A 91 -17.38 9.38 -17.27
CA ILE A 91 -16.00 9.53 -16.82
C ILE A 91 -15.64 8.31 -15.99
N HIS A 92 -14.50 7.71 -16.26
CA HIS A 92 -14.09 6.49 -15.56
C HIS A 92 -12.57 6.44 -15.51
N PHE A 93 -12.01 6.34 -14.30
CA PHE A 93 -10.57 6.30 -14.13
C PHE A 93 -10.26 5.67 -12.77
N PHE A 94 -8.97 5.47 -12.51
CA PHE A 94 -8.51 4.71 -11.36
C PHE A 94 -7.41 5.47 -10.63
N ARG A 95 -7.12 5.04 -9.40
CA ARG A 95 -6.11 5.70 -8.59
C ARG A 95 -5.46 4.68 -7.66
N GLU A 96 -4.15 4.81 -7.49
CA GLU A 96 -3.42 3.95 -6.56
C GLU A 96 -3.73 4.36 -5.12
N PRO A 97 -4.03 3.40 -4.24
CA PRO A 97 -4.43 3.77 -2.88
C PRO A 97 -3.24 4.20 -2.04
N THR A 98 -3.53 5.04 -1.04
CA THR A 98 -2.52 5.39 -0.05
C THR A 98 -2.44 4.32 1.04
N ASP A 99 -3.59 3.96 1.61
CA ASP A 99 -3.67 2.97 2.70
C ASP A 99 -3.82 1.59 2.07
N LEU A 100 -2.71 0.86 1.97
CA LEU A 100 -2.76 -0.49 1.40
C LEU A 100 -3.55 -1.45 2.28
N LYS A 101 -3.50 -1.27 3.60
CA LYS A 101 -4.19 -2.19 4.50
C LYS A 101 -5.70 -2.11 4.31
N GLN A 102 -6.24 -0.89 4.29
CA GLN A 102 -7.67 -0.73 4.06
C GLN A 102 -8.06 -1.13 2.65
N PHE A 103 -7.14 -1.00 1.69
CA PHE A 103 -7.44 -1.40 0.32
C PHE A 103 -7.71 -2.89 0.23
N LYS A 104 -6.87 -3.70 0.89
CA LYS A 104 -7.04 -5.15 0.82
C LYS A 104 -8.39 -5.58 1.38
N GLN A 105 -8.89 -4.88 2.40
CA GLN A 105 -10.23 -5.18 2.91
C GLN A 105 -11.29 -4.79 1.90
N ASP A 106 -11.16 -3.59 1.31
CA ASP A 106 -12.08 -3.20 0.25
C ASP A 106 -12.01 -4.15 -0.93
N ALA A 107 -10.81 -4.65 -1.24
CA ALA A 107 -10.66 -5.58 -2.35
C ALA A 107 -11.37 -6.90 -2.08
N LYS A 108 -11.40 -7.33 -0.83
CA LYS A 108 -11.99 -8.63 -0.51
C LYS A 108 -13.49 -8.53 -0.23
N TYR A 109 -13.99 -7.35 0.14
CA TYR A 109 -15.39 -7.17 0.44
C TYR A 109 -16.14 -6.34 -0.59
N SER A 110 -15.45 -5.73 -1.56
CA SER A 110 -16.15 -4.83 -2.49
C SER A 110 -15.68 -4.98 -3.94
N HIS A 111 -14.50 -4.44 -4.26
CA HIS A 111 -14.15 -4.24 -5.67
C HIS A 111 -13.23 -5.30 -6.27
N GLY A 112 -12.46 -6.03 -5.44
CA GLY A 112 -11.65 -7.10 -5.98
C GLY A 112 -10.55 -6.67 -6.92
N ILE A 113 -10.05 -5.45 -6.76
CA ILE A 113 -9.02 -4.93 -7.64
C ILE A 113 -7.64 -5.37 -7.14
N ASP A 114 -6.79 -5.79 -8.07
CA ASP A 114 -5.39 -6.06 -7.77
C ASP A 114 -4.64 -4.73 -7.68
N VAL A 115 -3.96 -4.50 -6.55
CA VAL A 115 -3.30 -3.21 -6.34
C VAL A 115 -2.21 -2.97 -7.37
N THR A 116 -1.58 -4.04 -7.89
CA THR A 116 -0.55 -3.89 -8.90
C THR A 116 -1.10 -3.35 -10.21
N ASP A 117 -2.39 -3.53 -10.47
CA ASP A 117 -3.00 -2.97 -11.67
C ASP A 117 -3.23 -1.47 -11.58
N LEU A 118 -2.97 -0.86 -10.42
CA LEU A 118 -3.15 0.57 -10.24
C LEU A 118 -1.83 1.35 -10.23
N PHE A 119 -0.69 0.66 -10.29
CA PHE A 119 0.59 1.36 -10.23
C PHE A 119 0.80 2.27 -11.43
N ALA A 120 0.16 1.96 -12.56
CA ALA A 120 0.34 2.74 -13.78
C ALA A 120 -0.54 3.98 -13.84
N THR A 121 -1.42 4.18 -12.87
CA THR A 121 -2.25 5.37 -12.85
C THR A 121 -1.43 6.59 -12.43
N GLN A 122 -1.88 7.77 -12.86
CA GLN A 122 -1.17 9.00 -12.53
C GLN A 122 -1.74 9.59 -11.25
N PRO A 123 -0.92 9.83 -10.23
CA PRO A 123 -1.42 10.52 -9.03
C PRO A 123 -1.84 11.94 -9.37
N GLY A 124 -2.97 12.36 -8.79
CA GLY A 124 -3.50 13.69 -9.01
C GLY A 124 -4.63 13.77 -10.01
N LEU A 125 -4.91 12.70 -10.74
CA LEU A 125 -6.01 12.72 -11.71
C LEU A 125 -7.34 12.96 -11.01
N THR A 126 -7.52 12.38 -9.83
CA THR A 126 -8.79 12.53 -9.10
C THR A 126 -9.03 13.99 -8.72
N SER A 127 -8.00 14.65 -8.18
CA SER A 127 -8.14 16.06 -7.81
C SER A 127 -8.36 16.93 -9.04
N ALA A 128 -7.62 16.67 -10.12
CA ALA A 128 -7.76 17.49 -11.32
C ALA A 128 -9.14 17.35 -11.94
N VAL A 129 -9.68 16.12 -11.96
CA VAL A 129 -11.00 15.91 -12.54
C VAL A 129 -12.07 16.61 -11.70
N ILE A 130 -11.99 16.47 -10.37
CA ILE A 130 -12.96 17.11 -9.50
C ILE A 130 -12.87 18.63 -9.61
N ASP A 131 -11.65 19.15 -9.77
CA ASP A 131 -11.50 20.58 -10.03
C ASP A 131 -12.23 21.00 -11.30
N ALA A 132 -12.22 20.13 -12.31
CA ALA A 132 -12.71 20.47 -13.64
C ALA A 132 -14.20 20.23 -13.82
N LEU A 133 -14.89 19.71 -12.81
CA LEU A 133 -16.33 19.51 -12.95
C LEU A 133 -17.02 20.88 -13.07
N PRO A 134 -18.10 20.98 -13.84
CA PRO A 134 -18.75 22.27 -14.03
C PRO A 134 -19.25 22.84 -12.70
N ARG A 135 -19.27 24.16 -12.63
CA ARG A 135 -19.67 24.85 -11.40
C ARG A 135 -21.16 24.65 -11.13
N ASN A 136 -21.50 24.47 -9.86
CA ASN A 136 -22.88 24.28 -9.42
C ASN A 136 -23.53 23.06 -10.08
N MET A 137 -22.74 22.04 -10.35
CA MET A 137 -23.27 20.83 -10.98
C MET A 137 -24.13 20.04 -10.00
N VAL A 138 -25.17 19.41 -10.53
CA VAL A 138 -26.06 18.55 -9.76
C VAL A 138 -25.70 17.10 -10.04
N ILE A 139 -25.28 16.39 -9.01
CA ILE A 139 -24.80 15.02 -9.14
C ILE A 139 -25.70 14.09 -8.33
N THR A 140 -26.09 12.98 -8.95
CA THR A 140 -26.93 11.97 -8.32
C THR A 140 -26.06 10.82 -7.82
N CYS A 141 -26.44 10.25 -6.67
CA CYS A 141 -25.70 9.12 -6.13
C CYS A 141 -26.60 8.27 -5.25
N GLN A 142 -26.23 7.00 -5.13
CA GLN A 142 -26.90 6.06 -4.22
C GLN A 142 -26.13 6.08 -2.91
N GLY A 143 -26.63 6.84 -1.94
CA GLY A 143 -25.89 7.08 -0.72
C GLY A 143 -24.91 8.23 -0.92
N SER A 144 -25.37 9.45 -0.67
CA SER A 144 -24.60 10.65 -0.98
C SER A 144 -23.54 10.99 0.05
N ASP A 145 -23.43 10.22 1.13
CA ASP A 145 -22.52 10.58 2.21
C ASP A 145 -21.07 10.54 1.75
N ASP A 146 -20.66 9.47 1.07
CA ASP A 146 -19.26 9.33 0.69
C ASP A 146 -18.86 10.31 -0.42
N ILE A 147 -19.73 10.50 -1.41
CA ILE A 147 -19.44 11.45 -2.48
C ILE A 147 -19.31 12.86 -1.91
N ARG A 148 -20.13 13.18 -0.91
CA ARG A 148 -20.09 14.52 -0.32
C ARG A 148 -18.75 14.78 0.36
N LYS A 149 -18.27 13.82 1.16
CA LYS A 149 -16.99 14.00 1.83
C LYS A 149 -15.86 14.13 0.81
N LEU A 150 -15.87 13.31 -0.24
CA LEU A 150 -14.84 13.39 -1.26
C LEU A 150 -14.86 14.75 -1.95
N LEU A 151 -16.04 15.20 -2.39
CA LEU A 151 -16.13 16.49 -3.08
C LEU A 151 -15.77 17.64 -2.15
N GLU A 152 -16.27 17.61 -0.90
CA GLU A 152 -16.00 18.71 0.02
C GLU A 152 -14.53 18.77 0.40
N SER A 153 -13.91 17.61 0.65
CA SER A 153 -12.49 17.59 0.96
C SER A 153 -11.63 18.03 -0.22
N GLN A 154 -12.18 18.02 -1.43
CA GLN A 154 -11.49 18.52 -2.61
C GLN A 154 -11.93 19.94 -2.98
N GLY A 155 -12.65 20.61 -2.09
CA GLY A 155 -12.99 22.01 -2.30
C GLY A 155 -14.11 22.26 -3.28
N ARG A 156 -15.11 21.38 -3.34
CA ARG A 156 -16.24 21.52 -4.24
C ARG A 156 -17.54 21.41 -3.44
N LYS A 157 -17.77 22.38 -2.54
CA LYS A 157 -19.03 22.46 -1.82
C LYS A 157 -20.16 23.02 -2.68
N ASP A 158 -19.84 23.57 -3.86
CA ASP A 158 -20.85 24.12 -4.74
C ASP A 158 -21.66 23.05 -5.45
N ILE A 159 -21.16 21.82 -5.52
CA ILE A 159 -21.82 20.74 -6.24
C ILE A 159 -22.93 20.17 -5.35
N LYS A 160 -24.17 20.27 -5.83
CA LYS A 160 -25.32 19.75 -5.10
C LYS A 160 -25.51 18.27 -5.40
N LEU A 161 -25.97 17.53 -4.40
CA LEU A 161 -26.07 16.08 -4.49
C LEU A 161 -27.51 15.64 -4.27
N ILE A 162 -28.01 14.81 -5.17
CA ILE A 162 -29.31 14.17 -5.03
C ILE A 162 -29.08 12.76 -4.49
N ASP A 163 -29.63 12.48 -3.32
CA ASP A 163 -29.41 11.20 -2.65
C ASP A 163 -30.58 10.27 -2.96
N ILE A 164 -30.35 9.30 -3.83
CA ILE A 164 -31.30 8.21 -4.05
C ILE A 164 -31.04 7.14 -3.00
N ALA A 165 -32.09 6.70 -2.32
CA ALA A 165 -31.97 5.80 -1.19
C ALA A 165 -32.67 4.49 -1.50
N LEU A 166 -32.02 3.68 -2.33
CA LEU A 166 -32.48 2.33 -2.62
C LEU A 166 -31.83 1.34 -1.66
N SER A 167 -32.57 0.31 -1.27
CA SER A 167 -32.01 -0.72 -0.42
C SER A 167 -30.96 -1.51 -1.19
N LYS A 168 -30.18 -2.30 -0.44
CA LYS A 168 -28.99 -2.93 -1.01
C LYS A 168 -29.31 -4.04 -2.00
N THR A 169 -30.54 -4.55 -1.99
CA THR A 169 -31.00 -5.46 -3.03
C THR A 169 -31.82 -4.77 -4.10
N ASP A 170 -32.52 -3.69 -3.74
CA ASP A 170 -33.25 -2.90 -4.74
C ASP A 170 -32.29 -2.21 -5.70
N SER A 171 -31.12 -1.79 -5.21
CA SER A 171 -30.21 -1.01 -6.04
C SER A 171 -29.51 -1.87 -7.08
N ARG A 172 -29.30 -3.15 -6.79
CA ARG A 172 -28.58 -4.06 -7.68
C ARG A 172 -29.52 -5.01 -8.42
N LYS A 173 -30.74 -4.56 -8.71
CA LYS A 173 -31.69 -5.42 -9.43
C LYS A 173 -31.18 -5.73 -10.83
N TYR A 174 -30.69 -4.72 -11.55
CA TYR A 174 -30.19 -4.88 -12.90
C TYR A 174 -28.69 -5.20 -12.92
N GLU A 175 -28.16 -5.80 -11.86
CA GLU A 175 -26.72 -6.01 -11.76
C GLU A 175 -26.22 -6.94 -12.85
N ASN A 176 -26.88 -8.09 -13.02
CA ASN A 176 -26.45 -9.05 -14.04
C ASN A 176 -26.63 -8.48 -15.44
N ALA A 177 -27.75 -7.81 -15.69
CA ALA A 177 -28.01 -7.27 -17.02
C ALA A 177 -27.01 -6.18 -17.38
N VAL A 178 -26.58 -5.39 -16.40
CA VAL A 178 -25.60 -4.33 -16.66
C VAL A 178 -24.26 -4.93 -17.01
N TRP A 179 -23.81 -5.93 -16.23
CA TRP A 179 -22.54 -6.58 -16.54
C TRP A 179 -22.60 -7.29 -17.89
N ASP A 180 -23.74 -7.91 -18.22
CA ASP A 180 -23.84 -8.67 -19.46
C ASP A 180 -23.66 -7.78 -20.68
N GLN A 181 -23.99 -6.49 -20.57
CA GLN A 181 -23.91 -5.58 -21.72
C GLN A 181 -22.68 -4.69 -21.70
N TYR A 182 -22.15 -4.36 -20.52
CA TYR A 182 -21.08 -3.37 -20.41
C TYR A 182 -19.78 -3.92 -19.85
N LYS A 183 -19.64 -5.25 -19.70
CA LYS A 183 -18.48 -5.80 -18.99
C LYS A 183 -17.17 -5.42 -19.67
N ASP A 184 -17.18 -5.14 -20.97
CA ASP A 184 -15.96 -4.80 -21.67
C ASP A 184 -15.44 -3.40 -21.32
N LEU A 185 -16.21 -2.62 -20.55
CA LEU A 185 -15.76 -1.29 -20.17
C LEU A 185 -14.87 -1.27 -18.95
N CYS A 186 -14.79 -2.38 -18.20
CA CYS A 186 -13.92 -2.44 -17.03
C CYS A 186 -13.53 -3.89 -16.77
N HIS A 187 -12.26 -4.20 -16.97
CA HIS A 187 -11.71 -5.52 -16.68
C HIS A 187 -10.88 -5.53 -15.41
N MET A 188 -11.05 -4.53 -14.54
CA MET A 188 -10.16 -4.32 -13.40
C MET A 188 -10.57 -5.09 -12.15
N HIS A 189 -11.75 -5.70 -12.13
CA HIS A 189 -12.25 -6.42 -10.96
C HIS A 189 -11.94 -7.90 -11.17
N THR A 190 -10.73 -8.29 -10.81
CA THR A 190 -10.21 -9.63 -11.05
C THR A 190 -10.22 -10.52 -9.83
N GLY A 191 -10.28 -9.94 -8.63
CA GLY A 191 -10.24 -10.74 -7.43
C GLY A 191 -11.59 -11.30 -7.04
N VAL A 192 -11.55 -12.29 -6.15
CA VAL A 192 -12.77 -12.90 -5.63
C VAL A 192 -13.33 -12.03 -4.52
N VAL A 193 -14.54 -11.53 -4.71
CA VAL A 193 -15.21 -10.69 -3.72
C VAL A 193 -16.22 -11.54 -2.96
N VAL A 194 -16.30 -11.29 -1.64
CA VAL A 194 -17.11 -12.10 -0.72
C VAL A 194 -17.88 -11.17 0.21
N GLU A 195 -18.98 -11.70 0.77
CA GLU A 195 -19.84 -10.94 1.66
C GLU A 195 -19.76 -11.45 3.09
N GLY A 200 -23.22 -14.72 10.51
CA GLY A 200 -21.93 -15.32 10.23
C GLY A 200 -21.94 -16.18 8.97
N GLY A 201 -20.78 -16.35 8.38
CA GLY A 201 -20.67 -17.14 7.17
C GLY A 201 -20.34 -16.28 5.96
N LYS A 202 -19.57 -16.84 5.05
CA LYS A 202 -19.10 -16.16 3.85
C LYS A 202 -19.96 -16.54 2.66
N GLU A 203 -20.05 -15.64 1.68
CA GLU A 203 -20.67 -15.96 0.40
C GLU A 203 -20.06 -15.11 -0.70
N GLU A 204 -19.64 -15.76 -1.78
CA GLU A 204 -19.00 -15.07 -2.89
C GLU A 204 -20.03 -14.30 -3.71
N ILE A 205 -19.68 -13.08 -4.09
CA ILE A 205 -20.60 -12.16 -4.75
C ILE A 205 -19.93 -11.59 -6.00
N THR A 206 -20.74 -10.87 -6.77
CA THR A 206 -20.23 -10.15 -7.95
C THR A 206 -19.48 -8.90 -7.50
N PRO A 207 -18.27 -8.66 -8.01
CA PRO A 207 -17.51 -7.48 -7.57
C PRO A 207 -18.23 -6.19 -7.87
N HIS A 208 -18.02 -5.21 -6.99
CA HIS A 208 -18.63 -3.89 -7.15
C HIS A 208 -17.74 -3.02 -8.04
N CYS A 209 -18.35 -2.45 -9.07
CA CYS A 209 -17.66 -1.54 -9.99
C CYS A 209 -18.34 -0.18 -9.93
N ALA A 210 -17.54 0.87 -9.74
CA ALA A 210 -18.09 2.22 -9.65
C ALA A 210 -18.86 2.60 -10.91
N LEU A 211 -18.39 2.14 -12.08
CA LEU A 211 -19.07 2.45 -13.33
C LEU A 211 -20.33 1.62 -13.48
N MET A 212 -20.24 0.31 -13.24
CA MET A 212 -21.42 -0.54 -13.33
C MET A 212 -22.46 -0.15 -12.29
N ASP A 213 -22.01 0.37 -11.15
CA ASP A 213 -22.96 0.82 -10.13
C ASP A 213 -23.77 2.01 -10.63
N CYS A 214 -23.09 3.02 -11.20
CA CYS A 214 -23.80 4.16 -11.78
C CYS A 214 -24.84 3.72 -12.80
N ILE A 215 -24.50 2.72 -13.62
CA ILE A 215 -25.40 2.28 -14.69
C ILE A 215 -26.58 1.51 -14.11
N MET A 216 -26.31 0.58 -13.20
CA MET A 216 -27.39 -0.23 -12.65
C MET A 216 -28.27 0.57 -11.69
N PHE A 217 -27.70 1.55 -10.99
CA PHE A 217 -28.51 2.40 -10.12
C PHE A 217 -29.48 3.24 -10.94
N ASP A 218 -29.01 3.78 -12.07
CA ASP A 218 -29.89 4.57 -12.93
C ASP A 218 -30.97 3.70 -13.56
N ALA A 219 -30.63 2.46 -13.90
CA ALA A 219 -31.64 1.55 -14.46
C ALA A 219 -32.73 1.25 -13.45
N ALA A 220 -32.36 1.15 -12.17
CA ALA A 220 -33.34 0.81 -11.14
C ALA A 220 -34.37 1.92 -10.96
N VAL A 221 -34.00 3.17 -11.24
CA VAL A 221 -34.93 4.30 -11.10
C VAL A 221 -35.52 4.72 -12.43
N SER A 222 -35.11 4.11 -13.54
CA SER A 222 -35.61 4.47 -14.86
C SER A 222 -36.44 3.40 -15.52
N GLY A 223 -36.51 2.20 -14.93
CA GLY A 223 -37.29 1.12 -15.52
C GLY A 223 -36.52 0.20 -16.44
N GLY A 224 -35.20 0.23 -16.40
CA GLY A 224 -34.40 -0.64 -17.26
C GLY A 224 -33.17 0.04 -17.81
N LEU A 225 -32.45 -0.65 -18.68
CA LEU A 225 -31.21 -0.12 -19.23
C LEU A 225 -31.49 0.96 -20.27
N ASN A 226 -30.60 1.94 -20.34
CA ASN A 226 -30.71 3.00 -21.33
C ASN A 226 -30.33 2.49 -22.71
N THR A 227 -30.71 3.26 -23.73
CA THR A 227 -30.36 2.92 -25.10
C THR A 227 -29.20 3.73 -25.65
N SER A 228 -28.82 4.81 -24.98
CA SER A 228 -27.71 5.65 -25.45
C SER A 228 -26.40 4.86 -25.34
N VAL A 229 -25.67 4.79 -26.45
CA VAL A 229 -24.35 4.17 -26.42
C VAL A 229 -23.44 4.97 -25.50
N LEU A 230 -22.54 4.28 -24.82
CA LEU A 230 -21.64 4.91 -23.87
C LEU A 230 -20.36 5.34 -24.58
N ARG A 231 -19.92 6.57 -24.27
CA ARG A 231 -18.70 7.13 -24.84
C ARG A 231 -17.86 7.71 -23.72
N ALA A 232 -16.57 7.37 -23.70
CA ALA A 232 -15.70 7.81 -22.64
C ALA A 232 -15.35 9.29 -22.81
N VAL A 233 -15.47 10.04 -21.72
CA VAL A 233 -15.08 11.44 -21.71
C VAL A 233 -13.56 11.59 -21.63
N LEU A 234 -12.90 10.71 -20.90
CA LEU A 234 -11.45 10.80 -20.72
C LEU A 234 -10.73 9.99 -21.78
N PRO A 235 -9.71 10.54 -22.42
CA PRO A 235 -8.87 9.73 -23.32
C PRO A 235 -8.21 8.60 -22.54
N ARG A 236 -8.04 7.46 -23.21
CA ARG A 236 -7.49 6.28 -22.53
C ARG A 236 -6.06 6.53 -22.06
N ASP A 237 -5.31 7.36 -22.80
CA ASP A 237 -3.93 7.64 -22.44
C ASP A 237 -3.82 8.36 -21.11
N MET A 238 -4.90 8.98 -20.64
CA MET A 238 -4.90 9.68 -19.36
C MET A 238 -5.20 8.76 -18.19
N VAL A 239 -5.81 7.60 -18.44
CA VAL A 239 -6.22 6.73 -17.35
C VAL A 239 -5.06 5.82 -16.91
N PHE A 240 -4.25 5.36 -17.86
CA PHE A 240 -3.18 4.42 -17.57
C PHE A 240 -1.92 4.79 -18.34
N ARG A 241 -0.77 4.62 -17.69
CA ARG A 241 0.50 4.71 -18.39
C ARG A 241 0.71 3.46 -19.22
N THR A 242 0.86 3.63 -20.53
CA THR A 242 0.98 2.49 -21.42
C THR A 242 2.33 1.82 -21.25
N SER A 243 2.32 0.49 -21.18
CA SER A 243 3.53 -0.31 -21.04
C SER A 243 3.45 -1.50 -21.97
N THR A 244 4.54 -1.77 -22.67
CA THR A 244 4.59 -2.92 -23.57
C THR A 244 4.76 -4.19 -22.74
N PRO A 245 3.85 -5.16 -22.84
CA PRO A 245 4.00 -6.38 -22.05
C PRO A 245 5.24 -7.16 -22.44
N ARG A 246 5.79 -7.89 -21.47
CA ARG A 246 6.99 -8.66 -21.71
C ARG A 246 6.73 -9.75 -22.74
N VAL A 247 7.58 -9.81 -23.76
CA VAL A 247 7.46 -10.82 -24.80
C VAL A 247 7.98 -12.15 -24.27
N VAL A 248 7.25 -13.22 -24.56
CA VAL A 248 7.66 -14.56 -24.19
C VAL A 248 8.54 -15.10 -25.31
N LEU A 249 9.84 -15.21 -25.05
CA LEU A 249 10.79 -15.69 -26.05
C LEU A 249 11.08 -17.18 -25.86
N PHE B 41 -7.49 -3.08 12.29
CA PHE B 41 -7.34 -4.31 13.04
C PHE B 41 -6.38 -5.27 12.36
N THR B 42 -5.46 -5.84 13.13
CA THR B 42 -4.48 -6.81 12.61
C THR B 42 -4.51 -8.04 13.51
N ALA B 43 -4.87 -9.18 12.94
CA ALA B 43 -4.81 -10.45 13.65
C ALA B 43 -3.36 -10.91 13.69
N GLY B 44 -2.76 -10.87 14.87
CA GLY B 44 -1.34 -11.13 15.04
C GLY B 44 -1.03 -12.59 15.31
N LEU B 45 0.03 -12.80 16.10
CA LEU B 45 0.50 -14.15 16.37
C LEU B 45 -0.49 -14.91 17.23
N THR B 46 -0.60 -16.21 16.98
CA THR B 46 -1.40 -17.07 17.84
C THR B 46 -0.69 -17.27 19.18
N TYR B 47 -1.40 -17.89 20.12
CA TYR B 47 -0.79 -18.20 21.42
C TYR B 47 0.38 -19.15 21.25
N SER B 48 0.28 -20.09 20.31
CA SER B 48 1.37 -21.03 20.09
C SER B 48 2.60 -20.34 19.50
N GLN B 49 2.39 -19.44 18.53
CA GLN B 49 3.51 -18.69 17.97
C GLN B 49 4.18 -17.83 19.02
N LEU B 50 3.39 -17.22 19.92
CA LEU B 50 3.95 -16.36 20.94
C LEU B 50 4.83 -17.14 21.91
N MET B 51 4.42 -18.37 22.26
CA MET B 51 5.24 -19.18 23.16
C MET B 51 6.50 -19.67 22.46
N THR B 52 6.41 -20.02 21.18
CA THR B 52 7.61 -20.33 20.41
C THR B 52 8.52 -19.11 20.33
N LEU B 53 7.93 -17.92 20.15
CA LEU B 53 8.71 -16.69 20.14
C LEU B 53 9.34 -16.43 21.50
N LYS B 54 8.59 -16.67 22.57
CA LYS B 54 9.12 -16.46 23.92
C LYS B 54 10.35 -17.31 24.16
N ASP B 55 10.33 -18.57 23.73
CA ASP B 55 11.48 -19.44 23.92
C ASP B 55 12.63 -19.04 23.02
N ALA B 56 12.33 -18.58 21.80
CA ALA B 56 13.38 -18.19 20.88
C ALA B 56 14.15 -16.97 21.38
N MET B 57 13.45 -16.04 22.02
CA MET B 57 14.10 -14.82 22.50
C MET B 57 15.12 -15.10 23.61
N LEU B 58 15.05 -16.26 24.26
CA LEU B 58 15.98 -16.58 25.32
C LEU B 58 17.42 -16.66 24.82
N GLN B 59 17.63 -16.86 23.52
CA GLN B 59 18.97 -16.87 22.96
C GLN B 59 19.63 -15.50 23.02
N LEU B 60 18.85 -14.43 23.15
CA LEU B 60 19.41 -13.09 23.28
C LEU B 60 20.14 -12.95 24.61
N ASP B 61 21.39 -12.52 24.55
CA ASP B 61 22.14 -12.16 25.74
C ASP B 61 21.65 -10.78 26.19
N PRO B 62 20.88 -10.70 27.28
CA PRO B 62 20.27 -9.41 27.66
C PRO B 62 21.26 -8.38 28.14
N ASN B 63 22.53 -8.74 28.34
CA ASN B 63 23.56 -7.79 28.76
C ASN B 63 24.54 -7.42 27.66
N ALA B 64 24.63 -8.23 26.59
CA ALA B 64 25.58 -7.96 25.53
C ALA B 64 25.10 -6.79 24.67
N LYS B 65 26.04 -6.21 23.92
CA LYS B 65 25.70 -5.13 23.00
C LYS B 65 24.75 -5.62 21.92
N THR B 66 23.68 -4.88 21.71
CA THR B 66 22.66 -5.25 20.74
C THR B 66 22.34 -4.04 19.86
N TRP B 67 22.63 -4.15 18.57
CA TRP B 67 22.25 -3.14 17.62
C TRP B 67 20.81 -3.35 17.17
N MET B 68 20.17 -2.26 16.78
CA MET B 68 18.84 -2.32 16.18
C MET B 68 18.71 -1.23 15.13
N ASP B 69 18.02 -1.56 14.05
CA ASP B 69 17.70 -0.57 13.02
C ASP B 69 16.51 -1.08 12.23
N ILE B 70 15.89 -0.16 11.48
CA ILE B 70 14.68 -0.46 10.72
C ILE B 70 14.79 0.19 9.34
N GLU B 71 14.03 -0.37 8.41
CA GLU B 71 13.72 0.29 7.16
C GLU B 71 12.23 0.63 7.16
N GLY B 72 11.89 1.79 6.60
CA GLY B 72 10.57 2.35 6.77
C GLY B 72 10.48 3.19 8.03
N ARG B 73 9.43 4.00 8.08
CA ARG B 73 9.24 4.90 9.21
C ARG B 73 8.85 4.11 10.47
N PRO B 74 9.13 4.66 11.65
CA PRO B 74 8.84 3.92 12.89
C PRO B 74 7.37 3.61 13.09
N GLU B 75 6.48 4.45 12.59
CA GLU B 75 5.05 4.16 12.68
C GLU B 75 4.58 3.17 11.62
N ASP B 76 5.45 2.79 10.69
CA ASP B 76 5.07 1.90 9.60
C ASP B 76 6.30 1.17 9.06
N PRO B 77 6.99 0.36 9.87
CA PRO B 77 8.22 -0.27 9.42
C PRO B 77 7.96 -1.46 8.51
N VAL B 78 8.92 -1.70 7.62
CA VAL B 78 8.85 -2.83 6.70
C VAL B 78 9.97 -3.84 6.89
N GLU B 79 11.08 -3.46 7.52
CA GLU B 79 12.15 -4.39 7.83
C GLU B 79 12.74 -4.02 9.19
N ILE B 80 12.93 -5.02 10.05
CA ILE B 80 13.41 -4.82 11.41
C ILE B 80 14.57 -5.78 11.65
N ALA B 81 15.61 -5.28 12.32
CA ALA B 81 16.80 -6.09 12.56
C ALA B 81 17.41 -5.75 13.90
N LEU B 82 17.75 -6.78 14.67
CA LEU B 82 18.58 -6.66 15.86
C LEU B 82 19.79 -7.55 15.69
N TYR B 83 20.93 -7.11 16.23
CA TYR B 83 22.21 -7.78 15.98
C TYR B 83 23.08 -7.71 17.22
N GLN B 84 23.49 -8.88 17.72
CA GLN B 84 24.45 -8.98 18.81
C GLN B 84 25.77 -9.48 18.25
N PRO B 85 26.76 -8.60 18.06
CA PRO B 85 27.99 -9.02 17.39
C PRO B 85 28.82 -10.02 18.17
N SER B 86 28.79 -9.98 19.51
CA SER B 86 29.65 -10.87 20.29
C SER B 86 29.21 -12.32 20.17
N SER B 87 27.90 -12.58 20.23
CA SER B 87 27.39 -13.94 20.12
C SER B 87 27.01 -14.32 18.69
N GLY B 88 26.71 -13.34 17.83
CA GLY B 88 26.27 -13.62 16.49
C GLY B 88 24.78 -13.80 16.33
N CYS B 89 24.02 -13.78 17.42
CA CYS B 89 22.57 -13.87 17.34
C CYS B 89 22.01 -12.61 16.68
N TYR B 90 21.03 -12.80 15.81
CA TYR B 90 20.38 -11.67 15.16
C TYR B 90 18.90 -11.97 14.93
N ILE B 91 18.09 -10.93 15.04
CA ILE B 91 16.66 -10.97 14.73
C ILE B 91 16.45 -10.21 13.44
N HIS B 92 15.72 -10.80 12.50
CA HIS B 92 15.51 -10.20 11.19
C HIS B 92 14.17 -10.65 10.64
N PHE B 93 13.29 -9.70 10.34
CA PHE B 93 11.98 -10.02 9.78
C PHE B 93 11.45 -8.80 9.05
N PHE B 94 10.34 -8.99 8.35
CA PHE B 94 9.76 -7.98 7.48
C PHE B 94 8.30 -7.75 7.83
N ARG B 95 7.73 -6.68 7.28
CA ARG B 95 6.35 -6.32 7.56
C ARG B 95 5.76 -5.60 6.35
N GLU B 96 4.51 -5.93 6.05
CA GLU B 96 3.80 -5.28 4.94
C GLU B 96 3.45 -3.84 5.34
N PRO B 97 3.71 -2.86 4.49
CA PRO B 97 3.45 -1.47 4.86
C PRO B 97 1.96 -1.16 4.87
N THR B 98 1.61 -0.14 5.66
CA THR B 98 0.25 0.38 5.66
C THR B 98 0.10 1.57 4.72
N ASP B 99 1.07 2.49 4.74
CA ASP B 99 1.07 3.63 3.81
C ASP B 99 1.85 3.21 2.57
N LEU B 100 1.13 2.95 1.49
CA LEU B 100 1.78 2.56 0.24
C LEU B 100 2.48 3.74 -0.43
N LYS B 101 1.95 4.95 -0.25
CA LYS B 101 2.56 6.13 -0.87
C LYS B 101 3.94 6.39 -0.28
N GLN B 102 4.04 6.38 1.06
CA GLN B 102 5.34 6.57 1.70
C GLN B 102 6.29 5.41 1.40
N PHE B 103 5.74 4.20 1.24
CA PHE B 103 6.58 3.05 0.94
C PHE B 103 7.30 3.23 -0.39
N LYS B 104 6.60 3.76 -1.39
CA LYS B 104 7.22 3.96 -2.70
C LYS B 104 8.43 4.89 -2.61
N GLN B 105 8.31 5.95 -1.80
CA GLN B 105 9.43 6.86 -1.62
C GLN B 105 10.61 6.16 -0.95
N ASP B 106 10.34 5.43 0.13
CA ASP B 106 11.41 4.72 0.83
C ASP B 106 12.08 3.69 -0.07
N ALA B 107 11.29 2.98 -0.88
CA ALA B 107 11.86 2.01 -1.82
C ALA B 107 12.75 2.70 -2.84
N LYS B 108 12.41 3.93 -3.23
CA LYS B 108 13.23 4.66 -4.21
C LYS B 108 14.50 5.19 -3.58
N TYR B 109 14.43 5.67 -2.34
CA TYR B 109 15.53 6.38 -1.71
C TYR B 109 16.24 5.58 -0.62
N SER B 110 15.80 4.36 -0.32
CA SER B 110 16.41 3.66 0.81
C SER B 110 16.55 2.15 0.57
N HIS B 111 15.44 1.40 0.69
CA HIS B 111 15.54 -0.06 0.79
C HIS B 111 15.28 -0.80 -0.52
N GLY B 112 14.59 -0.19 -1.48
CA GLY B 112 14.40 -0.83 -2.78
C GLY B 112 13.69 -2.17 -2.71
N ILE B 113 12.72 -2.30 -1.82
CA ILE B 113 11.99 -3.54 -1.63
C ILE B 113 10.75 -3.52 -2.52
N ASP B 114 10.50 -4.63 -3.22
CA ASP B 114 9.25 -4.83 -3.92
C ASP B 114 8.14 -5.10 -2.91
N VAL B 115 7.05 -4.33 -2.98
CA VAL B 115 5.99 -4.46 -2.00
C VAL B 115 5.34 -5.84 -2.08
N THR B 116 5.28 -6.43 -3.28
CA THR B 116 4.66 -7.74 -3.43
C THR B 116 5.45 -8.84 -2.74
N ASP B 117 6.75 -8.62 -2.49
CA ASP B 117 7.53 -9.57 -1.70
C ASP B 117 7.19 -9.51 -0.22
N LEU B 118 6.35 -8.58 0.21
CA LEU B 118 5.97 -8.42 1.60
C LEU B 118 4.56 -8.92 1.89
N PHE B 119 3.88 -9.49 0.90
CA PHE B 119 2.50 -9.93 1.10
C PHE B 119 2.40 -11.23 1.91
N ALA B 120 3.51 -11.91 2.16
CA ALA B 120 3.50 -13.19 2.86
C ALA B 120 4.15 -13.09 4.24
N THR B 121 4.35 -11.88 4.75
CA THR B 121 4.94 -11.71 6.06
C THR B 121 3.92 -12.01 7.15
N GLN B 122 4.43 -12.39 8.33
CA GLN B 122 3.58 -12.69 9.47
C GLN B 122 3.09 -11.40 10.11
N PRO B 123 1.79 -11.11 10.04
CA PRO B 123 1.29 -9.85 10.61
C PRO B 123 1.39 -9.85 12.12
N GLY B 124 1.71 -8.68 12.67
CA GLY B 124 1.84 -8.54 14.12
C GLY B 124 3.12 -9.06 14.71
N LEU B 125 4.08 -9.48 13.88
CA LEU B 125 5.35 -9.97 14.41
C LEU B 125 6.17 -8.84 15.04
N THR B 126 6.01 -7.62 14.53
CA THR B 126 6.75 -6.49 15.08
C THR B 126 6.31 -6.20 16.52
N SER B 127 5.01 -6.18 16.77
CA SER B 127 4.52 -5.95 18.13
C SER B 127 4.89 -7.10 19.06
N ALA B 128 4.90 -8.33 18.55
CA ALA B 128 5.21 -9.48 19.39
C ALA B 128 6.69 -9.52 19.75
N VAL B 129 7.57 -9.26 18.78
CA VAL B 129 9.01 -9.26 19.04
C VAL B 129 9.35 -8.15 20.04
N ILE B 130 8.80 -6.96 19.84
CA ILE B 130 9.06 -5.84 20.74
C ILE B 130 8.51 -6.14 22.13
N ASP B 131 7.33 -6.76 22.20
CA ASP B 131 6.80 -7.20 23.49
C ASP B 131 7.74 -8.16 24.19
N ALA B 132 8.45 -9.00 23.42
CA ALA B 132 9.24 -10.09 23.97
C ALA B 132 10.68 -9.71 24.30
N LEU B 133 11.09 -8.48 24.00
CA LEU B 133 12.45 -8.07 24.31
C LEU B 133 12.66 -8.03 25.82
N PRO B 134 13.81 -8.45 26.30
CA PRO B 134 14.03 -8.50 27.76
C PRO B 134 13.92 -7.12 28.40
N ARG B 135 13.58 -7.13 29.69
CA ARG B 135 13.32 -5.89 30.41
C ARG B 135 14.59 -5.08 30.60
N ASN B 136 14.46 -3.75 30.52
CA ASN B 136 15.56 -2.82 30.73
C ASN B 136 16.74 -3.10 29.80
N MET B 137 16.46 -3.62 28.62
CA MET B 137 17.51 -3.93 27.65
C MET B 137 18.17 -2.64 27.15
N VAL B 138 19.45 -2.73 26.85
CA VAL B 138 20.23 -1.62 26.30
C VAL B 138 20.46 -1.91 24.82
N ILE B 139 19.95 -1.03 23.96
CA ILE B 139 20.00 -1.22 22.52
C ILE B 139 20.81 -0.07 21.91
N THR B 140 21.73 -0.41 21.01
CA THR B 140 22.56 0.55 20.32
C THR B 140 22.02 0.78 18.91
N CYS B 141 22.09 2.03 18.44
CA CYS B 141 21.57 2.31 17.11
C CYS B 141 22.20 3.59 16.55
N GLN B 142 22.13 3.72 15.23
CA GLN B 142 22.58 4.90 14.51
C GLN B 142 21.42 5.88 14.44
N GLY B 143 21.40 6.85 15.34
CA GLY B 143 20.26 7.75 15.45
C GLY B 143 19.10 7.08 16.15
N SER B 144 18.88 7.43 17.41
CA SER B 144 17.92 6.73 18.25
C SER B 144 16.50 7.27 18.13
N ASP B 145 16.29 8.32 17.34
CA ASP B 145 14.97 8.95 17.27
C ASP B 145 13.91 7.98 16.76
N ASP B 146 14.19 7.32 15.63
CA ASP B 146 13.20 6.42 15.04
C ASP B 146 12.99 5.17 15.89
N ILE B 147 14.07 4.59 16.42
CA ILE B 147 13.96 3.40 17.25
C ILE B 147 13.15 3.70 18.50
N ARG B 148 13.45 4.83 19.16
CA ARG B 148 12.70 5.22 20.35
C ARG B 148 11.22 5.42 20.04
N LYS B 149 10.92 6.03 18.89
CA LYS B 149 9.53 6.23 18.50
C LYS B 149 8.82 4.89 18.32
N LEU B 150 9.49 3.92 17.70
CA LEU B 150 8.90 2.61 17.50
C LEU B 150 8.72 1.88 18.83
N LEU B 151 9.74 1.91 19.69
CA LEU B 151 9.67 1.19 20.95
C LEU B 151 8.65 1.81 21.89
N GLU B 152 8.58 3.14 21.93
CA GLU B 152 7.64 3.79 22.84
C GLU B 152 6.21 3.63 22.36
N SER B 153 5.99 3.65 21.04
CA SER B 153 4.65 3.43 20.51
C SER B 153 4.13 2.04 20.83
N GLN B 154 5.01 1.08 21.08
CA GLN B 154 4.62 -0.28 21.45
C GLN B 154 4.69 -0.52 22.95
N GLY B 155 4.87 0.54 23.75
CA GLY B 155 4.82 0.42 25.19
C GLY B 155 6.09 -0.06 25.85
N ARG B 156 7.24 0.13 25.23
CA ARG B 156 8.50 -0.32 25.82
C ARG B 156 9.44 0.84 26.09
N LYS B 157 9.01 1.79 26.92
CA LYS B 157 9.87 2.90 27.29
C LYS B 157 10.95 2.49 28.28
N ASP B 158 10.92 1.26 28.78
CA ASP B 158 11.95 0.78 29.69
C ASP B 158 13.27 0.51 28.97
N ILE B 159 13.23 0.26 27.66
CA ILE B 159 14.44 -0.06 26.91
C ILE B 159 15.24 1.22 26.71
N LYS B 160 16.50 1.19 27.14
CA LYS B 160 17.39 2.33 27.00
C LYS B 160 18.19 2.22 25.72
N LEU B 161 18.45 3.37 25.09
CA LEU B 161 19.08 3.43 23.78
C LEU B 161 20.40 4.18 23.86
N ILE B 162 21.41 3.63 23.20
CA ILE B 162 22.71 4.28 23.05
C ILE B 162 22.80 4.79 21.61
N ASP B 163 22.89 6.10 21.46
CA ASP B 163 22.86 6.74 20.15
C ASP B 163 24.29 6.99 19.68
N ILE B 164 24.79 6.09 18.84
CA ILE B 164 26.03 6.34 18.12
C ILE B 164 25.73 7.32 17.00
N ALA B 165 26.40 8.47 17.01
CA ALA B 165 26.14 9.51 16.02
C ALA B 165 27.25 9.60 15.00
N LEU B 166 27.45 8.53 14.23
CA LEU B 166 28.43 8.54 13.16
C LEU B 166 27.87 9.30 11.95
N SER B 167 28.77 10.00 11.25
CA SER B 167 28.40 10.58 9.98
C SER B 167 28.00 9.49 9.00
N LYS B 168 27.22 9.86 7.99
CA LYS B 168 26.72 8.88 7.04
C LYS B 168 27.85 8.23 6.24
N THR B 169 28.97 8.93 6.09
CA THR B 169 30.11 8.37 5.37
C THR B 169 30.90 7.39 6.23
N ASP B 170 31.19 7.77 7.47
CA ASP B 170 31.91 6.89 8.38
C ASP B 170 31.09 5.67 8.79
N SER B 171 29.76 5.76 8.74
CA SER B 171 28.91 4.65 9.14
C SER B 171 28.84 3.56 8.10
N ARG B 172 29.10 3.88 6.83
CA ARG B 172 28.95 2.94 5.73
C ARG B 172 30.28 2.60 5.06
N LYS B 173 31.39 2.74 5.79
CA LYS B 173 32.69 2.47 5.18
C LYS B 173 32.95 0.97 5.03
N TYR B 174 32.32 0.14 5.86
CA TYR B 174 32.37 -1.31 5.69
C TYR B 174 31.17 -1.85 4.90
N GLU B 175 30.52 -1.00 4.11
CA GLU B 175 29.30 -1.41 3.41
C GLU B 175 29.59 -2.55 2.42
N ASN B 176 30.63 -2.39 1.60
CA ASN B 176 30.93 -3.41 0.59
C ASN B 176 31.37 -4.72 1.24
N ALA B 177 32.18 -4.65 2.30
CA ALA B 177 32.66 -5.87 2.94
C ALA B 177 31.52 -6.62 3.61
N VAL B 178 30.58 -5.90 4.20
CA VAL B 178 29.46 -6.56 4.89
C VAL B 178 28.56 -7.27 3.88
N TRP B 179 28.24 -6.60 2.77
CA TRP B 179 27.42 -7.23 1.75
C TRP B 179 28.13 -8.44 1.15
N ASP B 180 29.43 -8.32 0.90
CA ASP B 180 30.18 -9.45 0.34
C ASP B 180 30.13 -10.67 1.26
N GLN B 181 30.10 -10.46 2.57
CA GLN B 181 30.17 -11.55 3.53
C GLN B 181 28.80 -12.13 3.89
N TYR B 182 27.76 -11.29 3.95
CA TYR B 182 26.47 -11.71 4.48
C TYR B 182 25.31 -11.50 3.50
N LYS B 183 25.59 -11.39 2.20
CA LYS B 183 24.51 -11.11 1.26
C LYS B 183 23.47 -12.23 1.21
N ASP B 184 23.88 -13.46 1.53
CA ASP B 184 22.95 -14.58 1.51
C ASP B 184 21.93 -14.50 2.64
N LEU B 185 22.09 -13.58 3.58
CA LEU B 185 21.15 -13.45 4.69
C LEU B 185 19.93 -12.61 4.36
N CYS B 186 19.94 -11.88 3.24
CA CYS B 186 18.79 -11.07 2.86
C CYS B 186 18.83 -10.82 1.36
N HIS B 187 17.88 -11.41 0.64
CA HIS B 187 17.73 -11.20 -0.80
C HIS B 187 16.54 -10.30 -1.13
N MET B 188 16.04 -9.55 -0.16
CA MET B 188 14.80 -8.81 -0.33
C MET B 188 14.98 -7.45 -0.99
N HIS B 189 16.21 -6.96 -1.14
CA HIS B 189 16.46 -5.65 -1.73
C HIS B 189 16.77 -5.85 -3.21
N THR B 190 15.69 -5.92 -4.00
CA THR B 190 15.77 -6.23 -5.42
C THR B 190 15.69 -5.00 -6.32
N GLY B 191 15.13 -3.89 -5.84
CA GLY B 191 14.96 -2.71 -6.65
C GLY B 191 16.24 -1.89 -6.76
N VAL B 192 16.16 -0.84 -7.56
CA VAL B 192 17.26 0.10 -7.77
C VAL B 192 17.02 1.31 -6.89
N VAL B 193 18.03 1.67 -6.10
CA VAL B 193 17.93 2.76 -5.13
C VAL B 193 18.81 3.91 -5.59
N VAL B 194 18.30 5.14 -5.45
CA VAL B 194 18.99 6.35 -5.86
C VAL B 194 19.14 7.27 -4.65
N GLU B 195 20.05 8.24 -4.76
CA GLU B 195 20.37 9.14 -3.66
C GLU B 195 20.36 10.58 -4.14
N LYS B 196 19.58 11.43 -3.46
CA LYS B 196 19.59 12.88 -3.70
C LYS B 196 20.80 13.47 -2.94
N GLY B 200 23.70 18.67 -5.63
CA GLY B 200 23.19 17.36 -5.30
C GLY B 200 22.11 16.87 -6.26
N GLY B 201 22.52 15.98 -7.17
CA GLY B 201 21.60 15.43 -8.15
C GLY B 201 21.02 14.08 -7.76
N LYS B 202 21.26 13.05 -8.57
CA LYS B 202 20.76 11.71 -8.23
C LYS B 202 21.58 10.66 -8.98
N GLU B 203 22.33 9.84 -8.22
CA GLU B 203 22.98 8.68 -8.78
C GLU B 203 22.70 7.47 -7.89
N GLU B 204 22.99 6.29 -8.42
CA GLU B 204 22.62 5.07 -7.73
C GLU B 204 23.48 4.85 -6.49
N ILE B 205 22.92 4.11 -5.52
CA ILE B 205 23.63 3.67 -4.32
C ILE B 205 23.24 2.23 -4.04
N THR B 206 23.93 1.63 -3.08
CA THR B 206 23.58 0.30 -2.61
C THR B 206 22.33 0.38 -1.73
N PRO B 207 21.35 -0.51 -1.93
CA PRO B 207 20.13 -0.45 -1.11
C PRO B 207 20.43 -0.60 0.38
N HIS B 208 19.66 0.10 1.19
CA HIS B 208 19.81 0.05 2.64
C HIS B 208 19.08 -1.16 3.20
N CYS B 209 19.81 -2.01 3.92
CA CYS B 209 19.24 -3.16 4.60
C CYS B 209 19.37 -2.97 6.10
N ALA B 210 18.29 -3.21 6.84
CA ALA B 210 18.32 -3.05 8.29
C ALA B 210 19.36 -3.97 8.92
N LEU B 211 19.47 -5.21 8.41
CA LEU B 211 20.43 -6.15 8.97
C LEU B 211 21.86 -5.77 8.59
N MET B 212 22.10 -5.51 7.31
CA MET B 212 23.44 -5.11 6.88
C MET B 212 23.86 -3.80 7.53
N ASP B 213 22.92 -2.91 7.80
CA ASP B 213 23.26 -1.66 8.49
C ASP B 213 23.74 -1.94 9.90
N CYS B 214 23.03 -2.82 10.62
CA CYS B 214 23.46 -3.20 11.96
C CYS B 214 24.89 -3.75 11.95
N ILE B 215 25.17 -4.64 11.00
CA ILE B 215 26.50 -5.27 10.93
C ILE B 215 27.56 -4.23 10.59
N MET B 216 27.31 -3.40 9.58
CA MET B 216 28.33 -2.46 9.14
C MET B 216 28.51 -1.31 10.14
N PHE B 217 27.46 -0.94 10.87
CA PHE B 217 27.60 0.09 11.88
C PHE B 217 28.47 -0.40 13.04
N ASP B 218 28.29 -1.66 13.44
CA ASP B 218 29.12 -2.22 14.51
C ASP B 218 30.56 -2.38 14.05
N ALA B 219 30.78 -2.69 12.77
CA ALA B 219 32.14 -2.78 12.26
C ALA B 219 32.84 -1.43 12.28
N ALA B 220 32.09 -0.36 12.05
CA ALA B 220 32.68 0.97 12.05
C ALA B 220 33.21 1.34 13.43
N VAL B 221 32.45 1.01 14.48
CA VAL B 221 32.88 1.34 15.85
C VAL B 221 33.84 0.31 16.43
N SER B 222 33.95 -0.86 15.82
CA SER B 222 34.82 -1.92 16.34
C SER B 222 36.08 -2.13 15.52
N GLY B 223 36.24 -1.39 14.42
CA GLY B 223 37.45 -1.49 13.63
C GLY B 223 37.48 -2.61 12.60
N GLY B 224 36.34 -3.24 12.33
CA GLY B 224 36.29 -4.28 11.33
C GLY B 224 35.15 -5.23 11.59
N LEU B 225 35.01 -6.20 10.68
CA LEU B 225 33.94 -7.17 10.77
C LEU B 225 34.21 -8.18 11.89
N ASN B 226 33.15 -8.55 12.60
CA ASN B 226 33.29 -9.52 13.67
C ASN B 226 33.52 -10.91 13.11
N THR B 227 34.15 -11.76 13.92
CA THR B 227 34.47 -13.13 13.52
C THR B 227 33.41 -14.13 13.93
N SER B 228 32.42 -13.73 14.73
CA SER B 228 31.38 -14.64 15.15
C SER B 228 30.44 -14.96 13.99
N VAL B 229 30.08 -16.24 13.88
CA VAL B 229 29.12 -16.68 12.88
C VAL B 229 27.72 -16.25 13.32
N LEU B 230 26.90 -15.83 12.35
CA LEU B 230 25.58 -15.28 12.65
C LEU B 230 24.56 -16.41 12.76
N ARG B 231 23.73 -16.34 13.80
CA ARG B 231 22.66 -17.30 14.03
C ARG B 231 21.34 -16.56 14.12
N ALA B 232 20.36 -17.01 13.33
CA ALA B 232 19.05 -16.37 13.30
C ALA B 232 18.25 -16.81 14.52
N VAL B 233 17.79 -15.84 15.31
CA VAL B 233 17.01 -16.17 16.51
C VAL B 233 15.62 -16.65 16.12
N LEU B 234 15.02 -16.06 15.08
CA LEU B 234 13.65 -16.38 14.73
C LEU B 234 13.61 -17.55 13.73
N PRO B 235 12.65 -18.46 13.90
CA PRO B 235 12.45 -19.49 12.89
C PRO B 235 11.87 -18.90 11.61
N ARG B 236 12.19 -19.53 10.49
CA ARG B 236 11.75 -18.97 9.21
C ARG B 236 10.24 -19.09 9.02
N ASP B 237 9.66 -20.19 9.51
CA ASP B 237 8.21 -20.35 9.38
C ASP B 237 7.43 -19.37 10.25
N MET B 238 8.11 -18.65 11.15
CA MET B 238 7.48 -17.55 11.86
C MET B 238 7.64 -16.21 11.15
N VAL B 239 8.75 -16.04 10.41
CA VAL B 239 8.98 -14.78 9.71
C VAL B 239 8.02 -14.64 8.53
N PHE B 240 7.82 -15.72 7.78
CA PHE B 240 6.93 -15.71 6.62
C PHE B 240 5.85 -16.75 6.79
N ARG B 241 4.64 -16.43 6.31
CA ARG B 241 3.57 -17.40 6.28
C ARG B 241 3.89 -18.49 5.27
N THR B 242 3.77 -19.75 5.68
CA THR B 242 4.12 -20.88 4.82
C THR B 242 3.12 -20.97 3.68
N SER B 243 3.60 -20.73 2.46
CA SER B 243 2.79 -20.84 1.24
C SER B 243 3.31 -22.03 0.47
N THR B 244 2.67 -23.19 0.66
CA THR B 244 3.14 -24.44 0.09
C THR B 244 3.12 -24.38 -1.44
N PRO B 245 4.25 -24.54 -2.11
CA PRO B 245 4.26 -24.54 -3.57
C PRO B 245 3.65 -25.82 -4.12
N ARG B 246 3.29 -25.76 -5.41
CA ARG B 246 2.72 -26.92 -6.08
C ARG B 246 3.74 -28.05 -6.11
N VAL B 247 3.24 -29.28 -5.90
CA VAL B 247 4.07 -30.48 -5.91
C VAL B 247 3.92 -31.16 -7.27
N VAL B 248 5.04 -31.53 -7.87
CA VAL B 248 5.04 -32.28 -9.12
C VAL B 248 4.71 -33.73 -8.80
N LEU B 249 3.57 -34.21 -9.26
CA LEU B 249 3.13 -35.57 -8.99
C LEU B 249 3.40 -36.48 -10.18
ZN ZN C . -14.75 -1.04 -12.58
C1 HGB D . -15.08 11.53 -29.10
C3 HGB D . -15.92 11.67 -26.73
C5 HGB D . -16.91 11.95 -25.80
C7 HGB D . -18.15 12.39 -26.22
HG HGB D . -19.89 12.89 -24.49
C6 HGB D . -18.41 12.56 -27.57
C4 HGB D . -17.42 12.27 -28.50
O1 HGB D . -15.40 11.40 -30.31
O2 HGB D . -13.89 11.42 -28.74
C2 HGB D . -16.17 11.83 -28.08
ZN ZN E . 17.42 -6.59 4.19
C1 HGB F . 18.61 -23.26 17.56
C3 HGB F . 20.23 -21.96 18.96
C5 HGB F . 20.88 -20.78 19.30
C7 HGB F . 20.59 -19.61 18.62
HG HGB F . 21.75 -17.49 19.23
C6 HGB F . 19.66 -19.62 17.59
C4 HGB F . 19.01 -20.80 17.25
O1 HGB F . 17.83 -23.28 16.57
O2 HGB F . 18.79 -24.30 18.25
C2 HGB F . 19.30 -21.97 17.93
#